data_7FA0
#
_entry.id   7FA0
#
_cell.length_a   76.495
_cell.length_b   78.546
_cell.length_c   92.67
_cell.angle_alpha   90
_cell.angle_beta   90
_cell.angle_gamma   90
#
_symmetry.space_group_name_H-M   'P 21 21 21'
#
loop_
_entity.id
_entity.type
_entity.pdbx_description
1 polymer 'Peptide Asparaginyl Ligases'
2 branched alpha-L-fucopyranose-(1-6)-2-acetamido-2-deoxy-beta-D-glucopyranose
3 branched 2-acetamido-2-deoxy-beta-D-glucopyranose-(1-4)-2-acetamido-2-deoxy-beta-D-glucopyranose
4 non-polymer 2-acetamido-2-deoxy-beta-D-glucopyranose
5 water water
#
_entity_poly.entity_id   1
_entity_poly.type   'polypeptide(L)'
_entity_poly.pdbx_seq_one_letter_code
;SIGTRWAVLIAGSKGYHNYRHQADVCHMYQILRKGGVKDENIIVFMYDDIAYNESNPFPGIIINKPGGENVYKGVPKDYT
GEDINNVNFLAAILGNKSAIIGGSGKVLDTSPNDHIFIYYA(HD0)GAPGKIGMPSKPYLYADDLVDTLKQKAATGTYKS
MVFYVEAANAGSMFEGLLPEGTNIYAMAASNSTEGSWITYCPGTPDFPPEFDVCLGDLWSITFLEDCDAHNLRTETVHQQ
FELVKKKIAYASTVSQYGDIPISKDSLSVYMGTDPANDNRTFVDEN
;
_entity_poly.pdbx_strand_id   A,B
#
# COMPACT_ATOMS: atom_id res chain seq x y z
N SER A 1 5.79 -4.03 -14.02
CA SER A 1 5.39 -4.34 -12.65
C SER A 1 5.41 -3.11 -11.75
N ILE A 2 4.66 -3.17 -10.66
CA ILE A 2 4.61 -2.09 -9.68
C ILE A 2 5.92 -2.04 -8.83
N GLY A 3 6.61 -3.18 -8.71
CA GLY A 3 7.84 -3.24 -7.93
C GLY A 3 7.58 -3.23 -6.43
N THR A 4 8.66 -3.16 -5.66
CA THR A 4 8.59 -3.17 -4.22
C THR A 4 9.27 -1.88 -3.71
N ARG A 5 8.83 -1.37 -2.56
CA ARG A 5 9.45 -0.19 -1.95
CA ARG A 5 9.46 -0.19 -1.96
C ARG A 5 10.52 -0.65 -0.98
N TRP A 6 11.70 -0.06 -1.08
CA TRP A 6 12.82 -0.38 -0.21
C TRP A 6 13.33 0.90 0.42
N ALA A 7 14.00 0.76 1.58
CA ALA A 7 14.60 1.93 2.20
C ALA A 7 15.88 1.56 2.92
N VAL A 8 16.80 2.56 3.04
CA VAL A 8 17.97 2.45 3.89
C VAL A 8 17.86 3.67 4.83
N LEU A 9 17.89 3.43 6.14
CA LEU A 9 17.82 4.51 7.13
C LEU A 9 19.13 4.43 7.90
N ILE A 10 19.84 5.56 8.06
CA ILE A 10 21.10 5.52 8.77
C ILE A 10 21.30 6.75 9.61
N ALA A 11 21.64 6.52 10.91
CA ALA A 11 22.08 7.58 11.83
C ALA A 11 23.61 7.39 11.89
N GLY A 12 24.38 8.39 11.48
CA GLY A 12 25.83 8.25 11.36
C GLY A 12 26.64 8.62 12.60
N SER A 13 25.98 8.75 13.75
CA SER A 13 26.67 9.16 14.97
C SER A 13 26.49 8.18 16.15
N LYS A 14 27.23 8.40 17.22
CA LYS A 14 27.11 7.63 18.46
C LYS A 14 27.17 8.60 19.65
N GLY A 15 26.80 8.13 20.84
CA GLY A 15 26.85 8.95 22.05
C GLY A 15 25.48 9.47 22.39
N TYR A 16 25.14 9.42 23.68
CA TYR A 16 23.82 9.85 24.15
C TYR A 16 23.48 11.28 23.79
N HIS A 17 24.47 12.21 23.79
CA HIS A 17 24.17 13.60 23.37
C HIS A 17 23.62 13.67 21.92
N ASN A 18 23.94 12.65 21.09
CA ASN A 18 23.49 12.57 19.68
C ASN A 18 22.20 11.80 19.53
N TYR A 19 21.39 11.71 20.61
CA TYR A 19 20.06 11.11 20.71
C TYR A 19 19.22 11.43 19.44
N ARG A 20 19.23 12.71 19.04
CA ARG A 20 18.43 13.22 17.93
C ARG A 20 18.60 12.48 16.62
N HIS A 21 19.83 12.02 16.28
CA HIS A 21 20.02 11.36 14.95
C HIS A 21 19.31 10.01 14.92
N GLN A 22 19.40 9.26 16.03
CA GLN A 22 18.72 7.97 16.14
C GLN A 22 17.21 8.14 16.29
N ALA A 23 16.78 9.21 16.97
CA ALA A 23 15.34 9.49 17.10
C ALA A 23 14.77 9.82 15.71
N ASP A 24 15.49 10.65 14.91
CA ASP A 24 15.09 11.05 13.54
C ASP A 24 14.87 9.80 12.68
N VAL A 25 15.85 8.89 12.69
CA VAL A 25 15.80 7.66 11.87
C VAL A 25 14.69 6.70 12.33
N CYS A 26 14.49 6.54 13.66
CA CYS A 26 13.43 5.66 14.16
C CYS A 26 12.08 6.24 13.76
N HIS A 27 11.91 7.58 13.77
CA HIS A 27 10.65 8.20 13.34
C HIS A 27 10.38 7.85 11.86
N MET A 28 11.42 7.92 10.99
CA MET A 28 11.25 7.59 9.57
C MET A 28 10.81 6.14 9.40
N TYR A 29 11.35 5.22 10.22
CA TYR A 29 10.92 3.82 10.18
C TYR A 29 9.41 3.71 10.46
N GLN A 30 8.92 4.42 11.49
CA GLN A 30 7.51 4.35 11.86
C GLN A 30 6.61 4.79 10.70
N ILE A 31 7.03 5.81 9.94
CA ILE A 31 6.30 6.29 8.76
C ILE A 31 6.24 5.18 7.71
N LEU A 32 7.39 4.55 7.41
CA LEU A 32 7.44 3.47 6.41
C LEU A 32 6.59 2.29 6.81
N ARG A 33 6.66 1.90 8.09
CA ARG A 33 5.86 0.77 8.61
C ARG A 33 4.38 1.06 8.48
N LYS A 34 3.96 2.27 8.87
CA LYS A 34 2.54 2.65 8.77
C LYS A 34 2.07 2.70 7.30
N GLY A 35 2.99 2.98 6.39
CA GLY A 35 2.72 3.05 4.96
C GLY A 35 2.70 1.70 4.25
N GLY A 36 2.99 0.62 4.97
CA GLY A 36 2.96 -0.72 4.38
C GLY A 36 4.28 -1.22 3.83
N VAL A 37 5.38 -0.49 4.06
CA VAL A 37 6.70 -0.95 3.65
C VAL A 37 7.14 -2.06 4.60
N LYS A 38 7.67 -3.16 4.09
CA LYS A 38 8.03 -4.34 4.88
C LYS A 38 9.39 -4.27 5.49
N ASP A 39 9.56 -4.90 6.68
CA ASP A 39 10.84 -4.92 7.38
C ASP A 39 11.96 -5.55 6.58
N GLU A 40 11.65 -6.60 5.81
CA GLU A 40 12.66 -7.25 4.99
C GLU A 40 13.25 -6.28 3.91
N ASN A 41 12.54 -5.17 3.62
CA ASN A 41 12.99 -4.19 2.63
C ASN A 41 13.47 -2.88 3.26
N ILE A 42 13.60 -2.80 4.59
CA ILE A 42 14.09 -1.59 5.26
C ILE A 42 15.37 -1.95 5.99
N ILE A 43 16.49 -1.37 5.54
CA ILE A 43 17.80 -1.64 6.14
C ILE A 43 18.09 -0.54 7.14
N VAL A 44 18.26 -0.89 8.43
CA VAL A 44 18.50 0.14 9.45
C VAL A 44 19.91 0.13 10.03
N PHE A 45 20.59 1.28 9.97
CA PHE A 45 21.89 1.49 10.59
C PHE A 45 21.64 2.46 11.76
N MET A 46 21.76 1.99 13.00
CA MET A 46 21.64 2.87 14.17
C MET A 46 22.50 2.31 15.27
N TYR A 47 23.30 3.17 15.91
CA TYR A 47 24.29 2.71 16.89
C TYR A 47 23.68 1.86 18.00
N ASP A 48 22.47 2.22 18.40
CA ASP A 48 21.67 1.51 19.38
C ASP A 48 22.15 1.71 20.82
N ASP A 49 22.69 2.89 21.12
CA ASP A 49 23.14 3.21 22.47
C ASP A 49 22.23 4.22 23.17
N ILE A 50 20.99 4.39 22.70
CA ILE A 50 20.09 5.38 23.24
C ILE A 50 19.00 4.75 24.12
N ALA A 51 18.23 3.79 23.55
CA ALA A 51 17.07 3.21 24.21
C ALA A 51 17.32 2.67 25.62
N TYR A 52 18.41 1.94 25.82
CA TYR A 52 18.71 1.36 27.14
C TYR A 52 19.89 2.04 27.80
N ASN A 53 20.18 3.29 27.41
CA ASN A 53 21.27 4.04 28.00
C ASN A 53 20.91 4.37 29.42
N GLU A 54 21.85 4.22 30.33
CA GLU A 54 21.64 4.55 31.75
C GLU A 54 21.18 6.03 31.92
N SER A 55 21.52 6.91 30.93
CA SER A 55 21.15 8.31 30.95
C SER A 55 19.75 8.62 30.42
N ASN A 56 19.10 7.64 29.79
CA ASN A 56 17.77 7.83 29.24
C ASN A 56 16.75 7.82 30.37
N PRO A 57 15.99 8.91 30.55
CA PRO A 57 14.97 8.93 31.62
C PRO A 57 13.83 7.94 31.36
N PHE A 58 13.68 7.42 30.13
CA PHE A 58 12.63 6.45 29.82
C PHE A 58 13.24 5.23 29.13
N PRO A 59 13.82 4.28 29.89
CA PRO A 59 14.42 3.10 29.25
C PRO A 59 13.46 2.37 28.29
N GLY A 60 13.99 2.02 27.13
CA GLY A 60 13.26 1.34 26.08
C GLY A 60 12.48 2.25 25.15
N ILE A 61 12.46 3.57 25.46
CA ILE A 61 11.71 4.54 24.68
C ILE A 61 12.62 5.57 24.04
N ILE A 62 12.34 5.94 22.79
CA ILE A 62 13.02 7.05 22.10
C ILE A 62 11.89 7.93 21.53
N ILE A 63 11.92 9.24 21.77
CA ILE A 63 10.92 10.14 21.21
C ILE A 63 11.59 11.16 20.27
N ASN A 64 10.88 11.63 19.24
CA ASN A 64 11.43 12.61 18.29
C ASN A 64 10.66 13.97 18.38
N LYS A 65 9.92 14.19 19.47
CA LYS A 65 9.13 15.41 19.73
C LYS A 65 8.68 15.35 21.18
N PRO A 66 8.62 16.47 21.93
CA PRO A 66 8.09 16.42 23.31
C PRO A 66 6.69 15.81 23.34
N GLY A 67 6.46 14.87 24.27
CA GLY A 67 5.19 14.17 24.37
C GLY A 67 4.84 13.24 23.22
N GLY A 68 5.80 12.95 22.36
CA GLY A 68 5.57 12.08 21.21
C GLY A 68 5.55 10.61 21.52
N GLU A 69 5.19 9.80 20.53
CA GLU A 69 5.15 8.36 20.69
C GLU A 69 6.55 7.74 20.74
N ASN A 70 6.64 6.48 21.17
CA ASN A 70 7.90 5.76 21.21
C ASN A 70 8.25 5.31 19.79
N VAL A 71 9.17 6.01 19.13
CA VAL A 71 9.57 5.66 17.78
C VAL A 71 10.55 4.48 17.72
N TYR A 72 11.12 4.03 18.85
CA TYR A 72 12.07 2.93 18.84
C TYR A 72 11.41 1.53 18.67
N LYS A 73 10.15 1.43 19.06
CA LYS A 73 9.42 0.17 19.05
C LYS A 73 9.34 -0.50 17.69
N GLY A 74 9.90 -1.70 17.60
CA GLY A 74 9.86 -2.50 16.38
C GLY A 74 10.87 -2.16 15.31
N VAL A 75 11.72 -1.14 15.54
CA VAL A 75 12.73 -0.77 14.55
C VAL A 75 13.75 -1.92 14.38
N PRO A 76 13.97 -2.39 13.14
CA PRO A 76 14.99 -3.44 12.92
C PRO A 76 16.39 -2.95 13.28
N LYS A 77 17.28 -3.90 13.59
CA LYS A 77 18.65 -3.56 13.94
C LYS A 77 19.59 -4.28 13.00
N ASP A 78 19.69 -3.80 11.75
CA ASP A 78 20.54 -4.47 10.77
C ASP A 78 22.02 -4.24 11.03
N TYR A 79 22.40 -2.98 11.29
CA TYR A 79 23.80 -2.65 11.53
C TYR A 79 23.83 -1.74 12.73
N THR A 80 24.40 -2.22 13.83
CA THR A 80 24.49 -1.43 15.06
C THR A 80 25.96 -1.33 15.49
N GLY A 81 26.26 -0.47 16.47
CA GLY A 81 27.63 -0.32 16.95
C GLY A 81 28.62 0.03 15.85
N GLU A 82 29.80 -0.60 15.90
CA GLU A 82 30.82 -0.30 14.89
C GLU A 82 30.60 -1.03 13.56
N ASP A 83 29.46 -1.73 13.39
CA ASP A 83 29.10 -2.27 12.07
C ASP A 83 28.53 -1.15 11.14
N ILE A 84 28.29 0.06 11.68
CA ILE A 84 27.89 1.19 10.88
C ILE A 84 29.20 1.80 10.43
N ASN A 85 29.51 1.63 9.16
CA ASN A 85 30.75 2.13 8.59
C ASN A 85 30.58 2.25 7.10
N ASN A 86 31.53 2.91 6.41
CA ASN A 86 31.41 3.12 4.96
C ASN A 86 31.31 1.81 4.21
N VAL A 87 32.08 0.80 4.59
CA VAL A 87 32.04 -0.50 3.90
C VAL A 87 30.62 -1.08 3.86
N ASN A 88 29.97 -1.15 5.01
CA ASN A 88 28.63 -1.73 5.10
C ASN A 88 27.54 -0.83 4.51
N PHE A 89 27.65 0.47 4.69
CA PHE A 89 26.66 1.40 4.15
C PHE A 89 26.67 1.37 2.62
N LEU A 90 27.87 1.42 2.03
CA LEU A 90 27.97 1.41 0.58
C LEU A 90 27.61 0.04 -0.01
N ALA A 91 28.04 -1.07 0.65
CA ALA A 91 27.65 -2.40 0.15
C ALA A 91 26.14 -2.61 0.26
N ALA A 92 25.49 -2.03 1.30
CA ALA A 92 24.04 -2.16 1.42
C ALA A 92 23.35 -1.42 0.29
N ILE A 93 23.84 -0.21 -0.08
CA ILE A 93 23.24 0.56 -1.18
C ILE A 93 23.39 -0.23 -2.47
N LEU A 94 24.58 -0.77 -2.71
CA LEU A 94 24.85 -1.54 -3.90
C LEU A 94 24.08 -2.84 -4.02
N GLY A 95 23.78 -3.47 -2.90
CA GLY A 95 23.02 -4.70 -2.90
C GLY A 95 23.89 -5.93 -2.98
N ASN A 96 25.14 -5.82 -2.49
CA ASN A 96 26.07 -6.95 -2.55
C ASN A 96 26.29 -7.52 -1.15
N LYS A 97 25.55 -8.59 -0.82
CA LYS A 97 25.64 -9.27 0.47
C LYS A 97 27.04 -9.83 0.72
N SER A 98 27.78 -10.19 -0.34
CA SER A 98 29.14 -10.70 -0.20
C SER A 98 30.20 -9.64 0.13
N ALA A 99 29.83 -8.34 0.10
CA ALA A 99 30.74 -7.25 0.44
C ALA A 99 30.54 -6.72 1.87
N ILE A 100 29.48 -7.18 2.55
CA ILE A 100 29.19 -6.76 3.91
C ILE A 100 30.18 -7.44 4.85
N ILE A 101 30.67 -6.71 5.84
CA ILE A 101 31.61 -7.23 6.83
C ILE A 101 30.99 -6.91 8.20
N GLY A 102 30.30 -7.89 8.78
CA GLY A 102 29.58 -7.71 10.03
C GLY A 102 28.18 -7.15 9.82
N GLY A 103 27.27 -7.41 10.75
CA GLY A 103 25.89 -6.95 10.62
C GLY A 103 24.96 -8.05 10.13
N SER A 104 23.69 -7.72 9.85
CA SER A 104 22.71 -8.72 9.43
C SER A 104 22.86 -9.23 7.98
N GLY A 105 23.54 -8.48 7.11
CA GLY A 105 23.65 -8.87 5.72
C GLY A 105 22.46 -8.41 4.86
N LYS A 106 21.50 -7.67 5.45
CA LYS A 106 20.38 -7.13 4.68
C LYS A 106 20.94 -6.01 3.81
N VAL A 107 20.63 -6.05 2.52
CA VAL A 107 21.14 -5.10 1.52
C VAL A 107 20.03 -4.78 0.52
N LEU A 108 20.24 -3.75 -0.31
CA LEU A 108 19.31 -3.38 -1.35
C LEU A 108 19.47 -4.31 -2.58
N ASP A 109 19.02 -5.57 -2.46
CA ASP A 109 19.07 -6.52 -3.57
CA ASP A 109 19.08 -6.49 -3.60
C ASP A 109 17.79 -6.28 -4.37
N THR A 110 17.75 -5.14 -5.05
CA THR A 110 16.62 -4.61 -5.79
C THR A 110 16.56 -5.06 -7.24
N SER A 111 15.39 -4.87 -7.84
CA SER A 111 15.05 -5.21 -9.21
C SER A 111 14.65 -3.91 -9.96
N PRO A 112 14.71 -3.90 -11.30
CA PRO A 112 14.44 -2.67 -12.05
C PRO A 112 13.16 -1.88 -11.78
N ASN A 113 12.04 -2.50 -11.31
CA ASN A 113 10.83 -1.71 -11.05
C ASN A 113 10.68 -1.25 -9.60
N ASP A 114 11.71 -1.47 -8.78
CA ASP A 114 11.66 -1.13 -7.36
C ASP A 114 11.96 0.33 -7.11
N HIS A 115 11.45 0.86 -6.00
CA HIS A 115 11.75 2.22 -5.61
C HIS A 115 12.59 2.18 -4.35
N ILE A 116 13.53 3.15 -4.23
CA ILE A 116 14.43 3.19 -3.08
C ILE A 116 14.36 4.55 -2.43
N PHE A 117 14.25 4.57 -1.09
CA PHE A 117 14.30 5.81 -0.34
C PHE A 117 15.47 5.66 0.64
N ILE A 118 16.40 6.61 0.65
CA ILE A 118 17.53 6.55 1.59
C ILE A 118 17.47 7.79 2.47
N TYR A 119 17.59 7.62 3.79
CA TYR A 119 17.57 8.77 4.70
C TYR A 119 18.78 8.65 5.62
N TYR A 120 19.62 9.66 5.62
CA TYR A 120 20.81 9.74 6.48
C TYR A 120 20.60 10.91 7.45
N ALA A 121 20.89 10.73 8.75
CA ALA A 121 20.84 11.85 9.69
C ALA A 121 22.11 11.83 10.56
N GLY A 123 27.86 16.47 9.64
CA GLY A 123 28.39 16.83 8.32
C GLY A 123 29.47 17.87 8.43
N ALA A 124 30.21 18.04 7.35
CA ALA A 124 31.24 19.07 7.22
C ALA A 124 31.44 19.21 5.71
N PRO A 125 32.11 20.27 5.23
CA PRO A 125 32.30 20.41 3.78
C PRO A 125 32.88 19.16 3.11
N GLY A 126 32.10 18.58 2.22
CA GLY A 126 32.49 17.41 1.45
C GLY A 126 32.43 16.06 2.13
N LYS A 127 31.84 15.95 3.33
CA LYS A 127 31.74 14.64 4.00
C LYS A 127 30.62 14.57 5.05
N ILE A 128 30.21 13.36 5.39
CA ILE A 128 29.22 13.12 6.44
C ILE A 128 29.80 12.08 7.39
N GLY A 129 29.32 12.09 8.61
CA GLY A 129 29.88 11.23 9.64
C GLY A 129 29.55 9.77 9.60
N MET A 130 30.46 9.01 10.21
CA MET A 130 30.25 7.63 10.61
C MET A 130 30.56 7.62 12.11
N PRO A 131 30.02 6.68 12.90
CA PRO A 131 30.28 6.70 14.36
C PRO A 131 31.75 6.81 14.73
N SER A 132 32.65 6.20 13.95
CA SER A 132 34.11 6.34 14.10
C SER A 132 34.68 6.65 12.72
N LYS A 133 35.90 7.18 12.67
CA LYS A 133 36.55 7.42 11.39
C LYS A 133 36.80 6.07 10.67
N PRO A 134 36.85 6.05 9.33
CA PRO A 134 36.74 7.20 8.43
C PRO A 134 35.33 7.68 8.16
N TYR A 135 35.20 8.99 7.96
CA TYR A 135 33.92 9.58 7.56
C TYR A 135 33.67 9.21 6.08
N LEU A 136 32.44 9.50 5.59
CA LEU A 136 32.03 9.22 4.22
C LEU A 136 32.17 10.45 3.36
N TYR A 137 33.09 10.43 2.39
CA TYR A 137 33.33 11.58 1.54
C TYR A 137 32.40 11.62 0.32
N ALA A 138 32.03 12.83 -0.12
CA ALA A 138 31.13 13.08 -1.25
C ALA A 138 31.41 12.22 -2.47
N ASP A 139 32.70 12.14 -2.92
CA ASP A 139 33.00 11.32 -4.10
C ASP A 139 32.72 9.85 -3.89
N ASP A 140 33.00 9.31 -2.71
CA ASP A 140 32.80 7.88 -2.46
CA ASP A 140 32.80 7.89 -2.37
C ASP A 140 31.30 7.55 -2.42
N LEU A 141 30.47 8.42 -1.84
CA LEU A 141 29.02 8.20 -1.84
C LEU A 141 28.49 8.31 -3.29
N VAL A 142 28.86 9.37 -4.03
CA VAL A 142 28.34 9.54 -5.41
C VAL A 142 28.83 8.44 -6.35
N ASP A 143 30.09 8.00 -6.21
CA ASP A 143 30.58 6.89 -7.03
C ASP A 143 29.78 5.61 -6.77
N THR A 144 29.36 5.39 -5.51
CA THR A 144 28.50 4.24 -5.19
C THR A 144 27.14 4.36 -5.88
N LEU A 145 26.60 5.58 -5.91
CA LEU A 145 25.34 5.82 -6.62
C LEU A 145 25.49 5.61 -8.13
N LYS A 146 26.64 5.96 -8.69
CA LYS A 146 26.90 5.72 -10.11
C LYS A 146 27.02 4.24 -10.39
N GLN A 147 27.60 3.45 -9.45
CA GLN A 147 27.68 2.00 -9.63
C GLN A 147 26.26 1.42 -9.61
N LYS A 148 25.43 1.86 -8.66
CA LYS A 148 24.05 1.37 -8.55
C LYS A 148 23.26 1.67 -9.81
N ALA A 149 23.40 2.92 -10.32
CA ALA A 149 22.74 3.30 -11.59
C ALA A 149 23.19 2.41 -12.74
N ALA A 150 24.49 2.08 -12.81
CA ALA A 150 24.98 1.25 -13.92
C ALA A 150 24.38 -0.17 -13.88
N THR A 151 24.04 -0.69 -12.68
CA THR A 151 23.38 -2.01 -12.60
C THR A 151 21.91 -1.97 -13.12
N GLY A 152 21.29 -0.79 -13.08
CA GLY A 152 19.91 -0.59 -13.53
C GLY A 152 18.88 -1.29 -12.64
N THR A 153 19.27 -1.59 -11.37
CA THR A 153 18.43 -2.36 -10.44
C THR A 153 17.48 -1.51 -9.62
N TYR A 154 16.87 -0.51 -10.24
CA TYR A 154 15.86 0.32 -9.59
C TYR A 154 15.16 1.21 -10.60
N LYS A 155 13.93 1.62 -10.28
CA LYS A 155 13.15 2.50 -11.13
C LYS A 155 13.56 3.92 -10.81
N SER A 156 13.47 4.30 -9.53
CA SER A 156 13.92 5.63 -9.13
C SER A 156 14.31 5.61 -7.65
N MET A 157 15.09 6.57 -7.25
CA MET A 157 15.63 6.65 -5.90
C MET A 157 15.50 8.06 -5.39
N VAL A 158 15.10 8.20 -4.11
CA VAL A 158 15.04 9.50 -3.43
C VAL A 158 15.98 9.41 -2.22
N PHE A 159 16.90 10.38 -2.05
CA PHE A 159 17.90 10.37 -0.99
C PHE A 159 17.75 11.66 -0.19
N TYR A 160 17.45 11.56 1.09
CA TYR A 160 17.27 12.71 1.98
C TYR A 160 18.46 12.75 2.95
N VAL A 161 19.11 13.93 3.08
CA VAL A 161 20.29 14.03 3.94
C VAL A 161 20.15 15.13 4.98
N GLU A 162 20.21 14.76 6.27
CA GLU A 162 20.21 15.68 7.40
C GLU A 162 21.64 15.74 7.92
N ALA A 163 22.34 16.83 7.65
CA ALA A 163 23.72 17.04 8.10
C ALA A 163 24.11 18.49 7.83
N ALA A 164 25.16 19.00 8.50
CA ALA A 164 25.71 20.32 8.15
C ALA A 164 26.36 20.17 6.77
N ASN A 165 26.26 21.20 5.93
CA ASN A 165 26.86 21.23 4.59
C ASN A 165 26.34 20.08 3.73
N ALA A 166 25.14 19.56 4.02
CA ALA A 166 24.61 18.38 3.33
C ALA A 166 24.68 18.44 1.81
N GLY A 167 24.38 19.59 1.25
CA GLY A 167 24.42 19.80 -0.21
C GLY A 167 25.78 19.56 -0.83
N SER A 168 26.87 19.69 -0.03
CA SER A 168 28.22 19.43 -0.53
C SER A 168 28.44 17.96 -0.90
N MET A 169 27.55 17.06 -0.47
CA MET A 169 27.66 15.66 -0.85
C MET A 169 27.23 15.43 -2.30
N PHE A 170 26.43 16.33 -2.89
CA PHE A 170 25.88 16.14 -4.22
C PHE A 170 26.17 17.23 -5.22
N GLU A 171 26.41 18.47 -4.74
CA GLU A 171 26.59 19.62 -5.61
C GLU A 171 27.69 19.43 -6.63
N GLY A 172 27.32 19.51 -7.90
CA GLY A 172 28.26 19.33 -9.01
C GLY A 172 28.74 17.91 -9.21
N LEU A 173 28.16 16.94 -8.47
CA LEU A 173 28.61 15.54 -8.57
C LEU A 173 27.50 14.57 -8.95
N LEU A 174 26.33 14.69 -8.32
CA LEU A 174 25.23 13.76 -8.57
C LEU A 174 24.68 13.89 -9.98
N PRO A 175 24.74 12.79 -10.77
CA PRO A 175 24.20 12.84 -12.13
C PRO A 175 22.70 13.19 -12.14
N GLU A 176 22.25 13.85 -13.21
CA GLU A 176 20.86 14.28 -13.32
C GLU A 176 20.01 13.42 -14.25
N GLY A 177 20.57 12.35 -14.81
CA GLY A 177 19.81 11.49 -15.72
C GLY A 177 19.73 10.02 -15.34
N THR A 178 19.93 9.71 -14.05
CA THR A 178 19.91 8.33 -13.59
C THR A 178 18.82 8.05 -12.56
N ASN A 179 17.74 8.84 -12.60
CA ASN A 179 16.59 8.65 -11.76
C ASN A 179 16.89 8.69 -10.26
N ILE A 180 17.87 9.52 -9.87
CA ILE A 180 18.19 9.72 -8.45
C ILE A 180 17.93 11.17 -8.09
N TYR A 181 17.04 11.42 -7.11
CA TYR A 181 16.74 12.77 -6.66
C TYR A 181 17.23 12.88 -5.21
N ALA A 182 17.86 13.99 -4.85
CA ALA A 182 18.35 14.15 -3.49
C ALA A 182 17.87 15.44 -2.91
N MET A 183 17.45 15.42 -1.62
CA MET A 183 17.05 16.63 -0.90
C MET A 183 17.94 16.76 0.32
N ALA A 184 18.51 17.94 0.54
CA ALA A 184 19.44 18.17 1.64
C ALA A 184 18.90 19.25 2.57
N ALA A 185 19.10 19.07 3.89
CA ALA A 185 18.68 20.06 4.90
C ALA A 185 19.29 21.42 4.67
N SER A 186 20.53 21.43 4.19
CA SER A 186 21.28 22.65 4.02
C SER A 186 22.09 22.59 2.73
N ASN A 187 22.52 23.76 2.23
CA ASN A 187 23.34 23.79 1.05
C ASN A 187 24.85 23.49 1.41
N SER A 188 25.78 23.59 0.45
CA SER A 188 27.18 23.26 0.67
CA SER A 188 27.18 23.25 0.68
C SER A 188 27.93 24.08 1.73
N THR A 189 27.52 25.34 1.97
CA THR A 189 28.25 26.18 2.92
C THR A 189 27.49 26.52 4.18
N GLU A 190 26.42 25.80 4.50
CA GLU A 190 25.61 26.10 5.67
C GLU A 190 25.66 25.04 6.71
N GLY A 191 25.48 25.44 7.97
CA GLY A 191 25.36 24.48 9.05
C GLY A 191 23.91 24.00 9.14
N SER A 192 23.62 23.11 10.07
CA SER A 192 22.25 22.64 10.26
C SER A 192 21.79 22.89 11.69
N TRP A 193 20.50 23.10 11.88
CA TRP A 193 19.92 23.48 13.18
C TRP A 193 19.34 22.31 13.94
N ILE A 194 19.69 22.18 15.22
CA ILE A 194 19.09 21.17 16.07
C ILE A 194 17.81 21.80 16.67
N THR A 195 16.85 20.97 17.10
CA THR A 195 15.59 21.49 17.64
C THR A 195 15.05 20.60 18.76
N TYR A 196 13.95 21.01 19.43
CA TYR A 196 13.38 20.26 20.55
C TYR A 196 14.43 20.05 21.64
N CYS A 197 15.10 21.14 21.98
CA CYS A 197 16.17 21.15 22.97
C CYS A 197 15.62 21.58 24.32
N PRO A 198 16.34 21.30 25.41
CA PRO A 198 15.91 21.83 26.71
C PRO A 198 15.94 23.37 26.71
N GLY A 199 15.08 23.98 27.50
CA GLY A 199 15.04 25.44 27.59
C GLY A 199 13.85 26.07 26.88
N THR A 200 13.46 25.51 25.73
CA THR A 200 12.31 25.97 24.97
C THR A 200 11.03 25.77 25.79
N PRO A 201 10.03 26.65 25.65
CA PRO A 201 8.82 26.52 26.47
C PRO A 201 8.11 25.17 26.35
N ASP A 202 7.54 24.71 27.48
CA ASP A 202 6.78 23.48 27.62
C ASP A 202 7.56 22.20 27.29
N PHE A 203 8.90 22.20 27.51
CA PHE A 203 9.75 21.04 27.24
C PHE A 203 9.80 20.11 28.47
N PRO A 204 9.79 18.77 28.27
CA PRO A 204 9.83 17.85 29.43
C PRO A 204 11.07 18.05 30.29
N PRO A 205 10.90 18.09 31.62
CA PRO A 205 12.06 18.33 32.50
C PRO A 205 13.03 17.16 32.66
N GLU A 206 12.68 15.96 32.18
CA GLU A 206 13.55 14.79 32.32
C GLU A 206 14.71 14.77 31.32
N PHE A 207 14.60 15.49 30.20
CA PHE A 207 15.65 15.44 29.17
C PHE A 207 16.73 16.55 29.20
N ASP A 208 17.99 16.16 29.00
CA ASP A 208 19.07 17.13 28.88
C ASP A 208 19.69 17.15 27.48
N VAL A 209 19.02 16.51 26.49
CA VAL A 209 19.51 16.43 25.11
C VAL A 209 18.41 16.85 24.14
N CYS A 210 18.79 17.27 22.93
CA CYS A 210 17.81 17.66 21.91
C CYS A 210 17.19 16.40 21.33
N LEU A 211 15.88 16.45 21.04
CA LEU A 211 15.17 15.27 20.56
C LEU A 211 15.15 15.11 19.04
N GLY A 212 15.45 16.18 18.31
CA GLY A 212 15.42 16.08 16.85
C GLY A 212 16.26 17.12 16.14
N ASP A 213 16.32 17.03 14.78
CA ASP A 213 16.97 18.05 13.97
C ASP A 213 15.86 18.83 13.26
N LEU A 214 16.04 20.16 13.10
CA LEU A 214 14.96 20.98 12.54
C LEU A 214 14.42 20.51 11.16
N TRP A 215 15.29 20.29 10.17
CA TRP A 215 14.81 19.87 8.85
C TRP A 215 14.10 18.52 8.93
N SER A 216 14.72 17.58 9.68
CA SER A 216 14.15 16.25 9.83
C SER A 216 12.77 16.27 10.44
N ILE A 217 12.57 16.91 11.60
CA ILE A 217 11.24 16.89 12.21
C ILE A 217 10.22 17.64 11.33
N THR A 218 10.66 18.60 10.50
CA THR A 218 9.72 19.35 9.65
C THR A 218 9.20 18.43 8.54
N PHE A 219 10.09 17.65 7.91
CA PHE A 219 9.63 16.74 6.85
C PHE A 219 8.96 15.50 7.45
N LEU A 220 9.44 14.99 8.58
CA LEU A 220 8.83 13.80 9.20
C LEU A 220 7.41 14.10 9.68
N GLU A 221 7.20 15.24 10.35
CA GLU A 221 5.86 15.60 10.83
C GLU A 221 4.91 15.91 9.66
N ASP A 222 5.45 16.33 8.50
CA ASP A 222 4.67 16.56 7.29
C ASP A 222 4.21 15.20 6.74
N CYS A 223 5.11 14.18 6.73
CA CYS A 223 4.77 12.80 6.29
C CYS A 223 3.66 12.23 7.16
N ASP A 224 3.67 12.54 8.45
CA ASP A 224 2.66 12.05 9.39
C ASP A 224 1.30 12.76 9.27
N ALA A 225 1.25 13.90 8.57
CA ALA A 225 0.04 14.74 8.57
C ALA A 225 -0.84 14.66 7.34
N HIS A 226 -0.42 13.91 6.32
CA HIS A 226 -1.18 13.88 5.07
C HIS A 226 -1.31 12.47 4.47
N ASN A 227 -2.26 12.34 3.54
CA ASN A 227 -2.42 11.17 2.71
C ASN A 227 -1.27 11.38 1.69
N LEU A 228 -0.23 10.56 1.78
CA LEU A 228 0.93 10.73 0.93
C LEU A 228 0.69 10.36 -0.55
N ARG A 229 -0.50 9.84 -0.88
CA ARG A 229 -0.85 9.62 -2.28
C ARG A 229 -1.24 10.98 -2.94
N THR A 230 -1.49 12.06 -2.14
CA THR A 230 -1.90 13.39 -2.60
C THR A 230 -0.80 14.45 -2.50
N GLU A 231 0.42 14.07 -2.06
CA GLU A 231 1.51 15.04 -1.90
C GLU A 231 2.72 14.51 -2.64
N THR A 232 3.31 15.35 -3.51
CA THR A 232 4.50 14.92 -4.24
C THR A 232 5.77 15.25 -3.44
N VAL A 233 6.90 14.67 -3.85
CA VAL A 233 8.19 15.01 -3.26
C VAL A 233 8.48 16.51 -3.45
N HIS A 234 8.14 17.05 -4.63
CA HIS A 234 8.30 18.47 -4.98
C HIS A 234 7.46 19.34 -4.04
N GLN A 235 6.22 18.92 -3.76
CA GLN A 235 5.36 19.67 -2.84
C GLN A 235 5.96 19.69 -1.42
N GLN A 236 6.54 18.57 -0.98
CA GLN A 236 7.21 18.51 0.33
C GLN A 236 8.47 19.40 0.31
N PHE A 237 9.24 19.36 -0.78
CA PHE A 237 10.43 20.21 -0.94
C PHE A 237 10.08 21.70 -0.74
N GLU A 238 9.05 22.17 -1.46
CA GLU A 238 8.64 23.56 -1.34
C GLU A 238 8.11 23.91 0.05
N LEU A 239 7.30 23.02 0.65
CA LEU A 239 6.74 23.28 1.97
C LEU A 239 7.84 23.38 3.05
N VAL A 240 8.75 22.38 3.08
CA VAL A 240 9.79 22.35 4.09
C VAL A 240 10.81 23.45 3.86
N LYS A 241 11.14 23.76 2.61
CA LYS A 241 12.08 24.82 2.28
C LYS A 241 11.59 26.17 2.81
N LYS A 242 10.32 26.50 2.58
CA LYS A 242 9.76 27.75 3.08
C LYS A 242 9.68 27.73 4.61
N LYS A 243 9.25 26.62 5.17
CA LYS A 243 9.08 26.50 6.62
C LYS A 243 10.34 26.75 7.42
N ILE A 244 11.51 26.27 6.95
CA ILE A 244 12.75 26.48 7.72
C ILE A 244 13.71 27.45 7.03
N ALA A 245 13.19 28.40 6.22
CA ALA A 245 14.04 29.34 5.49
C ALA A 245 14.94 30.19 6.41
N TYR A 246 14.50 30.47 7.64
CA TYR A 246 15.28 31.26 8.61
C TYR A 246 16.51 30.51 9.16
N ALA A 247 16.55 29.18 9.02
CA ALA A 247 17.59 28.33 9.57
C ALA A 247 18.61 27.83 8.54
N SER A 248 18.15 27.27 7.41
CA SER A 248 19.02 26.79 6.35
C SER A 248 18.25 26.76 5.02
N THR A 249 18.98 26.61 3.92
CA THR A 249 18.38 26.59 2.60
C THR A 249 18.22 25.15 2.17
N VAL A 250 16.99 24.63 2.18
CA VAL A 250 16.72 23.27 1.73
C VAL A 250 17.07 23.20 0.24
N SER A 251 17.90 22.23 -0.15
CA SER A 251 18.42 22.19 -1.51
C SER A 251 18.16 20.86 -2.17
N GLN A 252 17.98 20.87 -3.49
CA GLN A 252 17.72 19.63 -4.22
C GLN A 252 18.74 19.43 -5.34
N TYR A 253 19.04 18.17 -5.63
CA TYR A 253 20.06 17.79 -6.61
C TYR A 253 19.62 16.55 -7.40
N GLY A 254 20.29 16.30 -8.52
CA GLY A 254 20.01 15.12 -9.33
C GLY A 254 18.90 15.28 -10.35
N ASP A 255 18.17 14.19 -10.54
CA ASP A 255 17.08 14.11 -11.51
C ASP A 255 15.81 14.75 -10.91
N ILE A 256 15.69 16.10 -11.04
CA ILE A 256 14.56 16.87 -10.47
C ILE A 256 13.17 16.31 -10.91
N PRO A 257 12.95 15.89 -12.18
CA PRO A 257 11.63 15.33 -12.52
C PRO A 257 11.18 14.14 -11.68
N ILE A 258 12.11 13.43 -11.02
CA ILE A 258 11.74 12.34 -10.11
C ILE A 258 10.85 12.86 -8.97
N SER A 259 11.01 14.12 -8.55
CA SER A 259 10.21 14.71 -7.49
C SER A 259 8.74 14.95 -7.87
N LYS A 260 8.36 14.69 -9.13
CA LYS A 260 6.95 14.74 -9.52
C LYS A 260 6.19 13.55 -8.87
N ASP A 261 6.89 12.49 -8.45
CA ASP A 261 6.27 11.32 -7.84
C ASP A 261 5.62 11.68 -6.52
N SER A 262 4.49 11.02 -6.21
CA SER A 262 3.85 11.22 -4.92
C SER A 262 4.76 10.56 -3.86
N LEU A 263 4.75 11.10 -2.63
CA LEU A 263 5.59 10.54 -1.57
C LEU A 263 5.29 9.05 -1.33
N SER A 264 4.01 8.65 -1.53
CA SER A 264 3.57 7.27 -1.37
C SER A 264 4.30 6.29 -2.26
N VAL A 265 4.91 6.76 -3.38
CA VAL A 265 5.66 5.85 -4.26
C VAL A 265 6.82 5.20 -3.48
N TYR A 266 7.40 5.96 -2.53
CA TYR A 266 8.52 5.58 -1.70
C TYR A 266 8.10 5.15 -0.30
N MET A 267 7.11 5.83 0.26
CA MET A 267 6.77 5.64 1.68
C MET A 267 5.46 4.98 1.98
N GLY A 268 4.63 4.75 0.97
CA GLY A 268 3.26 4.31 1.20
C GLY A 268 2.47 5.44 1.83
N THR A 269 1.33 5.13 2.46
CA THR A 269 0.57 6.13 3.21
C THR A 269 -0.14 5.46 4.38
N ASP A 270 -0.37 6.20 5.47
CA ASP A 270 -1.05 5.65 6.64
C ASP A 270 -2.57 5.77 6.41
N PRO A 271 -3.33 4.66 6.44
CA PRO A 271 -4.79 4.77 6.24
C PRO A 271 -5.48 5.74 7.17
N ALA A 272 -4.93 5.96 8.37
CA ALA A 272 -5.51 6.92 9.32
C ALA A 272 -5.57 8.35 8.74
N ASN A 273 -4.71 8.66 7.76
CA ASN A 273 -4.67 9.97 7.15
C ASN A 273 -5.34 10.02 5.80
N ASP A 274 -6.13 9.01 5.38
CA ASP A 274 -6.75 8.98 4.05
C ASP A 274 -7.52 10.25 3.67
N ASN A 275 -8.21 10.88 4.63
CA ASN A 275 -8.97 12.10 4.38
C ASN A 275 -8.14 13.39 4.45
N ARG A 276 -6.85 13.30 4.78
CA ARG A 276 -5.99 14.46 4.88
C ARG A 276 -5.28 14.78 3.56
N THR A 277 -6.05 15.26 2.58
CA THR A 277 -5.55 15.61 1.26
C THR A 277 -4.63 16.82 1.39
N PHE A 278 -3.49 16.80 0.71
CA PHE A 278 -2.54 17.90 0.76
C PHE A 278 -3.06 19.13 0.01
N VAL A 279 -2.92 20.31 0.64
CA VAL A 279 -3.32 21.59 0.06
C VAL A 279 -2.16 22.59 0.24
N ILE B 2 -0.85 -2.17 12.16
CA ILE B 2 -1.12 -1.76 10.78
C ILE B 2 -2.30 -2.50 10.16
N GLY B 3 -3.37 -1.78 9.87
CA GLY B 3 -4.53 -2.36 9.20
C GLY B 3 -4.22 -2.50 7.73
N THR B 4 -4.69 -3.60 7.10
CA THR B 4 -4.46 -3.83 5.67
C THR B 4 -5.79 -4.17 4.98
N ARG B 5 -6.00 -3.68 3.76
CA ARG B 5 -7.19 -4.00 2.98
C ARG B 5 -6.93 -5.28 2.20
N TRP B 6 -7.84 -6.25 2.26
CA TRP B 6 -7.76 -7.49 1.51
C TRP B 6 -9.04 -7.66 0.69
N ALA B 7 -8.94 -8.47 -0.36
CA ALA B 7 -10.10 -8.77 -1.18
C ALA B 7 -10.04 -10.16 -1.75
N VAL B 8 -11.22 -10.74 -2.01
CA VAL B 8 -11.33 -12.01 -2.71
C VAL B 8 -12.33 -11.72 -3.83
N LEU B 9 -11.90 -11.88 -5.10
CA LEU B 9 -12.77 -11.64 -6.25
C LEU B 9 -12.98 -12.97 -6.92
N ILE B 10 -14.22 -13.37 -7.20
CA ILE B 10 -14.47 -14.67 -7.79
C ILE B 10 -15.57 -14.64 -8.82
N ALA B 11 -15.25 -15.14 -10.02
CA ALA B 11 -16.26 -15.37 -11.05
C ALA B 11 -16.50 -16.88 -11.00
N GLY B 12 -17.73 -17.28 -10.70
CA GLY B 12 -18.02 -18.70 -10.49
C GLY B 12 -18.46 -19.49 -11.71
N SER B 13 -18.16 -19.01 -12.90
CA SER B 13 -18.61 -19.68 -14.11
C SER B 13 -17.49 -19.88 -15.14
N LYS B 14 -17.76 -20.68 -16.19
CA LYS B 14 -16.81 -20.86 -17.30
C LYS B 14 -17.60 -20.83 -18.60
N GLY B 15 -16.90 -20.72 -19.72
CA GLY B 15 -17.52 -20.71 -21.03
C GLY B 15 -17.56 -19.31 -21.58
N TYR B 16 -17.28 -19.16 -22.88
CA TYR B 16 -17.21 -17.84 -23.49
C TYR B 16 -18.51 -17.01 -23.34
N HIS B 17 -19.67 -17.66 -23.44
CA HIS B 17 -20.97 -16.96 -23.26
C HIS B 17 -21.10 -16.29 -21.86
N ASN B 18 -20.32 -16.77 -20.87
CA ASN B 18 -20.29 -16.21 -19.50
C ASN B 18 -19.22 -15.10 -19.31
N TYR B 19 -18.77 -14.50 -20.42
CA TYR B 19 -17.81 -13.39 -20.49
C TYR B 19 -18.04 -12.36 -19.34
N ARG B 20 -19.31 -11.98 -19.14
CA ARG B 20 -19.71 -10.95 -18.19
C ARG B 20 -19.24 -11.20 -16.76
N HIS B 21 -19.23 -12.45 -16.26
CA HIS B 21 -18.81 -12.69 -14.87
C HIS B 21 -17.33 -12.38 -14.65
N GLN B 22 -16.48 -12.79 -15.59
CA GLN B 22 -15.06 -12.49 -15.50
C GLN B 22 -14.81 -11.01 -15.79
N ALA B 23 -15.63 -10.38 -16.70
CA ALA B 23 -15.48 -8.94 -16.95
C ALA B 23 -15.84 -8.14 -15.68
N ASP B 24 -16.90 -8.54 -14.98
CA ASP B 24 -17.33 -7.84 -13.75
C ASP B 24 -16.20 -7.92 -12.69
N VAL B 25 -15.60 -9.13 -12.49
CA VAL B 25 -14.56 -9.34 -11.49
C VAL B 25 -13.25 -8.60 -11.85
N CYS B 26 -12.91 -8.56 -13.14
CA CYS B 26 -11.72 -7.83 -13.57
C CYS B 26 -11.89 -6.34 -13.35
N HIS B 27 -13.09 -5.82 -13.61
CA HIS B 27 -13.39 -4.41 -13.38
C HIS B 27 -13.24 -4.10 -11.86
N MET B 28 -13.73 -4.99 -10.98
CA MET B 28 -13.55 -4.78 -9.53
C MET B 28 -12.05 -4.76 -9.18
N TYR B 29 -11.23 -5.62 -9.80
CA TYR B 29 -9.77 -5.56 -9.57
C TYR B 29 -9.22 -4.17 -9.91
N GLN B 30 -9.62 -3.57 -11.04
CA GLN B 30 -9.08 -2.26 -11.45
C GLN B 30 -9.41 -1.19 -10.41
N ILE B 31 -10.63 -1.24 -9.83
CA ILE B 31 -11.00 -0.28 -8.76
C ILE B 31 -10.08 -0.45 -7.54
N LEU B 32 -9.88 -1.70 -7.09
CA LEU B 32 -8.98 -1.95 -5.94
C LEU B 32 -7.55 -1.50 -6.22
N ARG B 33 -7.01 -1.82 -7.40
CA ARG B 33 -5.64 -1.42 -7.76
C ARG B 33 -5.48 0.10 -7.75
N LYS B 34 -6.45 0.81 -8.33
CA LYS B 34 -6.42 2.28 -8.35
C LYS B 34 -6.59 2.89 -6.95
N GLY B 35 -7.28 2.18 -6.06
CA GLY B 35 -7.45 2.60 -4.68
C GLY B 35 -6.25 2.34 -3.77
N GLY B 36 -5.23 1.66 -4.28
CA GLY B 36 -4.03 1.37 -3.49
C GLY B 36 -3.99 0.02 -2.83
N VAL B 37 -4.95 -0.87 -3.13
CA VAL B 37 -4.95 -2.22 -2.56
C VAL B 37 -3.89 -3.03 -3.30
N LYS B 38 -3.04 -3.76 -2.57
CA LYS B 38 -1.93 -4.50 -3.18
C LYS B 38 -2.28 -5.89 -3.68
N ASP B 39 -1.57 -6.35 -4.74
CA ASP B 39 -1.77 -7.67 -5.33
C ASP B 39 -1.64 -8.81 -4.35
N GLU B 40 -0.65 -8.75 -3.45
CA GLU B 40 -0.48 -9.79 -2.43
C GLU B 40 -1.71 -9.96 -1.52
N ASN B 41 -2.58 -8.94 -1.47
CA ASN B 41 -3.78 -8.96 -0.64
C ASN B 41 -5.08 -9.13 -1.46
N ILE B 42 -4.99 -9.40 -2.77
CA ILE B 42 -6.17 -9.58 -3.62
C ILE B 42 -6.14 -10.98 -4.19
N ILE B 43 -7.09 -11.83 -3.80
CA ILE B 43 -7.12 -13.22 -4.26
C ILE B 43 -8.11 -13.30 -5.40
N VAL B 44 -7.63 -13.63 -6.60
CA VAL B 44 -8.52 -13.68 -7.76
C VAL B 44 -8.83 -15.10 -8.21
N PHE B 45 -10.14 -15.43 -8.33
CA PHE B 45 -10.61 -16.71 -8.87
C PHE B 45 -11.32 -16.34 -10.20
N MET B 46 -10.73 -16.73 -11.34
CA MET B 46 -11.34 -16.48 -12.64
C MET B 46 -10.91 -17.58 -13.58
N TYR B 47 -11.86 -18.20 -14.30
CA TYR B 47 -11.57 -19.37 -15.13
C TYR B 47 -10.43 -19.10 -16.13
N ASP B 48 -10.39 -17.89 -16.64
CA ASP B 48 -9.37 -17.41 -17.56
C ASP B 48 -9.51 -18.00 -18.98
N ASP B 49 -10.75 -18.26 -19.39
CA ASP B 49 -11.02 -18.77 -20.76
C ASP B 49 -11.62 -17.68 -21.67
N ILE B 50 -11.51 -16.41 -21.28
CA ILE B 50 -12.11 -15.32 -22.06
C ILE B 50 -11.10 -14.52 -22.87
N ALA B 51 -10.07 -13.97 -22.22
CA ALA B 51 -9.12 -13.09 -22.91
C ALA B 51 -8.48 -13.69 -24.13
N TYR B 52 -8.06 -14.95 -24.07
CA TYR B 52 -7.37 -15.56 -25.23
C TYR B 52 -8.25 -16.55 -25.97
N ASN B 53 -9.58 -16.36 -25.90
CA ASN B 53 -10.51 -17.23 -26.60
C ASN B 53 -10.56 -16.90 -28.06
N GLU B 54 -10.62 -17.93 -28.92
CA GLU B 54 -10.76 -17.73 -30.37
C GLU B 54 -12.04 -16.94 -30.68
N SER B 55 -13.10 -17.09 -29.84
CA SER B 55 -14.38 -16.38 -30.06
C SER B 55 -14.35 -14.91 -29.64
N ASN B 56 -13.34 -14.50 -28.88
CA ASN B 56 -13.21 -13.12 -28.43
C ASN B 56 -12.73 -12.28 -29.61
N PRO B 57 -13.55 -11.30 -30.04
CA PRO B 57 -13.15 -10.48 -31.20
C PRO B 57 -11.96 -9.56 -30.91
N PHE B 58 -11.54 -9.40 -29.63
CA PHE B 58 -10.39 -8.59 -29.25
C PHE B 58 -9.50 -9.40 -28.29
N PRO B 59 -8.76 -10.39 -28.80
CA PRO B 59 -7.95 -11.24 -27.90
C PRO B 59 -6.97 -10.42 -27.07
N GLY B 60 -6.83 -10.80 -25.81
CA GLY B 60 -6.00 -10.11 -24.82
C GLY B 60 -6.77 -9.05 -24.06
N ILE B 61 -8.01 -8.76 -24.48
CA ILE B 61 -8.86 -7.70 -23.91
C ILE B 61 -10.16 -8.25 -23.35
N ILE B 62 -10.59 -7.70 -22.25
CA ILE B 62 -11.89 -7.95 -21.67
C ILE B 62 -12.45 -6.55 -21.32
N ILE B 63 -13.65 -6.21 -21.77
CA ILE B 63 -14.27 -4.93 -21.42
C ILE B 63 -15.56 -5.20 -20.61
N ASN B 64 -15.96 -4.27 -19.73
CA ASN B 64 -17.17 -4.45 -18.92
C ASN B 64 -18.24 -3.39 -19.26
N LYS B 65 -18.08 -2.70 -20.41
CA LYS B 65 -18.99 -1.66 -20.89
C LYS B 65 -18.57 -1.38 -22.33
N PRO B 66 -19.53 -1.07 -23.21
CA PRO B 66 -19.17 -0.69 -24.60
C PRO B 66 -18.22 0.50 -24.60
N GLY B 67 -17.11 0.36 -25.31
CA GLY B 67 -16.07 1.39 -25.37
C GLY B 67 -15.25 1.51 -24.08
N GLY B 68 -15.35 0.51 -23.21
CA GLY B 68 -14.65 0.55 -21.94
C GLY B 68 -13.19 0.20 -22.04
N GLU B 69 -12.44 0.45 -20.97
CA GLU B 69 -11.01 0.12 -20.96
C GLU B 69 -10.82 -1.41 -20.82
N ASN B 70 -9.61 -1.89 -21.10
CA ASN B 70 -9.31 -3.30 -20.93
C ASN B 70 -9.19 -3.58 -19.43
N VAL B 71 -10.19 -4.23 -18.83
CA VAL B 71 -10.14 -4.54 -17.42
C VAL B 71 -9.32 -5.79 -17.09
N TYR B 72 -8.89 -6.55 -18.09
CA TYR B 72 -8.09 -7.78 -17.86
C TYR B 72 -6.62 -7.47 -17.50
N LYS B 73 -6.14 -6.32 -17.95
CA LYS B 73 -4.74 -5.95 -17.79
C LYS B 73 -4.24 -5.95 -16.33
N GLY B 74 -3.28 -6.84 -16.06
CA GLY B 74 -2.63 -6.95 -14.75
C GLY B 74 -3.40 -7.68 -13.67
N VAL B 75 -4.57 -8.26 -13.99
CA VAL B 75 -5.35 -8.98 -12.99
C VAL B 75 -4.58 -10.25 -12.59
N PRO B 76 -4.32 -10.44 -11.28
CA PRO B 76 -3.62 -11.66 -10.84
C PRO B 76 -4.42 -12.91 -11.17
N LYS B 77 -3.74 -14.04 -11.24
CA LYS B 77 -4.39 -15.31 -11.56
C LYS B 77 -4.08 -16.31 -10.45
N ASP B 78 -4.74 -16.16 -9.31
CA ASP B 78 -4.49 -17.05 -8.19
C ASP B 78 -5.08 -18.43 -8.40
N TYR B 79 -6.36 -18.49 -8.81
CA TYR B 79 -7.04 -19.75 -9.05
C TYR B 79 -7.77 -19.67 -10.37
N THR B 80 -7.30 -20.42 -11.37
CA THR B 80 -7.93 -20.41 -12.68
C THR B 80 -8.37 -21.83 -13.02
N GLY B 81 -9.12 -22.01 -14.11
CA GLY B 81 -9.59 -23.34 -14.50
C GLY B 81 -10.34 -24.06 -13.40
N GLU B 82 -10.16 -25.37 -13.29
CA GLU B 82 -10.86 -26.17 -12.29
C GLU B 82 -10.34 -26.00 -10.85
N ASP B 83 -9.33 -25.14 -10.65
CA ASP B 83 -8.87 -24.79 -9.31
C ASP B 83 -9.89 -23.85 -8.61
N ILE B 84 -10.91 -23.32 -9.36
CA ILE B 84 -11.99 -22.55 -8.77
C ILE B 84 -13.00 -23.59 -8.35
N ASN B 85 -13.13 -23.84 -7.05
CA ASN B 85 -14.03 -24.85 -6.50
C ASN B 85 -14.32 -24.52 -5.03
N ASN B 86 -15.31 -25.20 -4.42
CA ASN B 86 -15.67 -24.95 -3.01
C ASN B 86 -14.50 -25.07 -2.06
N VAL B 87 -13.68 -26.14 -2.22
CA VAL B 87 -12.56 -26.35 -1.32
C VAL B 87 -11.60 -25.15 -1.27
N ASN B 88 -11.18 -24.66 -2.44
CA ASN B 88 -10.24 -23.56 -2.53
C ASN B 88 -10.85 -22.23 -2.16
N PHE B 89 -12.12 -22.00 -2.51
CA PHE B 89 -12.78 -20.74 -2.19
C PHE B 89 -12.96 -20.59 -0.69
N LEU B 90 -13.50 -21.62 -0.04
CA LEU B 90 -13.71 -21.59 1.40
C LEU B 90 -12.37 -21.56 2.15
N ALA B 91 -11.36 -22.31 1.68
CA ALA B 91 -10.04 -22.29 2.33
C ALA B 91 -9.41 -20.91 2.21
N ALA B 92 -9.58 -20.24 1.07
CA ALA B 92 -9.06 -18.88 0.87
C ALA B 92 -9.73 -17.89 1.82
N ILE B 93 -11.05 -17.98 2.02
CA ILE B 93 -11.74 -17.08 2.95
C ILE B 93 -11.22 -17.30 4.38
N LEU B 94 -11.17 -18.57 4.80
CA LEU B 94 -10.70 -18.89 6.15
C LEU B 94 -9.23 -18.53 6.37
N GLY B 95 -8.44 -18.55 5.32
CA GLY B 95 -7.02 -18.26 5.40
C GLY B 95 -6.24 -19.50 5.76
N ASN B 96 -6.71 -20.68 5.32
CA ASN B 96 -6.03 -21.95 5.63
C ASN B 96 -5.30 -22.40 4.39
N LYS B 97 -4.03 -22.01 4.23
CA LYS B 97 -3.21 -22.37 3.08
C LYS B 97 -3.02 -23.89 2.94
N SER B 98 -2.98 -24.62 4.06
CA SER B 98 -2.84 -26.07 4.03
C SER B 98 -4.08 -26.79 3.48
N ALA B 99 -5.22 -26.09 3.38
CA ALA B 99 -6.45 -26.69 2.85
C ALA B 99 -6.59 -26.50 1.33
N ILE B 100 -5.75 -25.63 0.72
CA ILE B 100 -5.71 -25.34 -0.71
C ILE B 100 -5.20 -26.59 -1.46
N ILE B 101 -5.89 -27.03 -2.54
CA ILE B 101 -5.55 -28.27 -3.25
C ILE B 101 -4.91 -28.03 -4.66
N GLY B 102 -4.78 -26.77 -5.05
CA GLY B 102 -4.19 -26.33 -6.31
C GLY B 102 -4.24 -24.80 -6.40
N GLY B 103 -3.56 -24.20 -7.37
CA GLY B 103 -3.54 -22.75 -7.51
C GLY B 103 -2.34 -22.10 -6.84
N SER B 104 -2.38 -20.78 -6.63
CA SER B 104 -1.24 -20.05 -6.06
C SER B 104 -1.01 -20.22 -4.54
N GLY B 105 -2.05 -20.59 -3.81
CA GLY B 105 -1.92 -20.71 -2.35
C GLY B 105 -2.16 -19.40 -1.61
N LYS B 106 -2.51 -18.33 -2.32
CA LYS B 106 -2.82 -17.05 -1.71
C LYS B 106 -4.16 -17.20 -1.01
N VAL B 107 -4.22 -16.82 0.27
CA VAL B 107 -5.40 -16.95 1.15
C VAL B 107 -5.57 -15.67 2.03
N LEU B 108 -6.72 -15.52 2.71
CA LEU B 108 -6.94 -14.39 3.60
C LEU B 108 -6.27 -14.67 4.95
N ASP B 109 -4.94 -14.64 5.00
CA ASP B 109 -4.24 -14.82 6.26
C ASP B 109 -4.15 -13.44 6.92
N THR B 110 -5.33 -12.97 7.37
CA THR B 110 -5.62 -11.64 7.90
C THR B 110 -5.40 -11.53 9.41
N SER B 111 -5.37 -10.28 9.90
CA SER B 111 -5.17 -9.90 11.29
C SER B 111 -6.40 -9.12 11.80
N PRO B 112 -6.58 -9.03 13.14
CA PRO B 112 -7.77 -8.34 13.68
C PRO B 112 -8.03 -6.90 13.20
N ASN B 113 -7.02 -6.19 12.70
CA ASN B 113 -7.24 -4.82 12.21
C ASN B 113 -7.51 -4.71 10.72
N ASP B 114 -7.57 -5.84 10.01
CA ASP B 114 -7.76 -5.84 8.57
C ASP B 114 -9.20 -5.71 8.11
N HIS B 115 -9.39 -5.21 6.89
CA HIS B 115 -10.70 -5.12 6.28
C HIS B 115 -10.74 -6.08 5.12
N ILE B 116 -11.89 -6.74 4.89
CA ILE B 116 -12.00 -7.70 3.80
C ILE B 116 -13.18 -7.34 2.93
N PHE B 117 -12.99 -7.35 1.61
CA PHE B 117 -14.08 -7.12 0.65
C PHE B 117 -14.14 -8.38 -0.22
N ILE B 118 -15.28 -9.08 -0.28
CA ILE B 118 -15.43 -10.26 -1.13
C ILE B 118 -16.46 -9.95 -2.19
N TYR B 119 -16.17 -10.27 -3.45
CA TYR B 119 -17.12 -10.01 -4.51
C TYR B 119 -17.24 -11.24 -5.36
N TYR B 120 -18.45 -11.80 -5.43
CA TYR B 120 -18.73 -12.99 -6.23
C TYR B 120 -19.64 -12.58 -7.40
N ALA B 121 -19.37 -13.09 -8.63
CA ALA B 121 -20.29 -12.87 -9.75
C ALA B 121 -20.48 -14.19 -10.50
N GLY B 123 -26.63 -18.38 -10.10
CA GLY B 123 -27.31 -18.63 -8.85
C GLY B 123 -28.61 -19.34 -9.07
N ALA B 124 -29.06 -20.00 -8.04
CA ALA B 124 -30.33 -20.73 -7.97
C ALA B 124 -30.75 -20.69 -6.50
N PRO B 125 -32.02 -21.00 -6.14
CA PRO B 125 -32.40 -20.97 -4.72
C PRO B 125 -31.45 -21.76 -3.81
N GLY B 126 -30.84 -21.07 -2.85
CA GLY B 126 -29.94 -21.66 -1.87
C GLY B 126 -28.54 -22.03 -2.32
N LYS B 127 -28.13 -21.59 -3.52
CA LYS B 127 -26.80 -21.93 -4.02
C LYS B 127 -26.29 -20.97 -5.07
N ILE B 128 -24.96 -20.90 -5.18
CA ILE B 128 -24.26 -20.17 -6.23
C ILE B 128 -23.32 -21.12 -6.96
N GLY B 129 -23.08 -20.82 -8.24
CA GLY B 129 -22.30 -21.71 -9.07
C GLY B 129 -20.81 -21.73 -8.84
N MET B 130 -20.21 -22.83 -9.28
CA MET B 130 -18.78 -23.06 -9.45
C MET B 130 -18.63 -23.50 -10.94
N PRO B 131 -17.45 -23.34 -11.57
CA PRO B 131 -17.33 -23.69 -13.01
C PRO B 131 -17.85 -25.09 -13.34
N SER B 132 -17.64 -26.05 -12.44
CA SER B 132 -18.18 -27.40 -12.48
C SER B 132 -18.79 -27.73 -11.12
N LYS B 133 -19.68 -28.71 -11.07
CA LYS B 133 -20.27 -29.19 -9.82
C LYS B 133 -19.14 -29.76 -8.92
N PRO B 134 -19.30 -29.72 -7.58
CA PRO B 134 -20.46 -29.24 -6.83
C PRO B 134 -20.54 -27.72 -6.70
N TYR B 135 -21.77 -27.22 -6.72
CA TYR B 135 -22.01 -25.80 -6.51
C TYR B 135 -21.89 -25.48 -5.01
N LEU B 136 -21.88 -24.19 -4.65
CA LEU B 136 -21.70 -23.77 -3.27
C LEU B 136 -23.04 -23.47 -2.61
N TYR B 137 -23.43 -24.28 -1.61
CA TYR B 137 -24.69 -24.10 -0.90
C TYR B 137 -24.59 -23.05 0.22
N ALA B 138 -25.70 -22.33 0.45
CA ALA B 138 -25.80 -21.27 1.43
C ALA B 138 -25.26 -21.67 2.83
N ASP B 139 -25.65 -22.86 3.34
CA ASP B 139 -25.18 -23.28 4.65
C ASP B 139 -23.67 -23.44 4.69
N ASP B 140 -23.06 -23.93 3.61
CA ASP B 140 -21.62 -24.13 3.60
C ASP B 140 -20.85 -22.81 3.57
N LEU B 141 -21.33 -21.83 2.81
CA LEU B 141 -20.69 -20.52 2.77
C LEU B 141 -20.81 -19.84 4.16
N VAL B 142 -22.01 -19.78 4.75
CA VAL B 142 -22.23 -19.16 6.06
C VAL B 142 -21.48 -19.90 7.17
N ASP B 143 -21.41 -21.25 7.09
CA ASP B 143 -20.63 -22.01 8.09
C ASP B 143 -19.15 -21.57 8.07
N THR B 144 -18.61 -21.29 6.88
CA THR B 144 -17.22 -20.83 6.73
C THR B 144 -17.08 -19.41 7.29
N LEU B 145 -18.08 -18.55 7.07
CA LEU B 145 -18.04 -17.18 7.59
C LEU B 145 -18.13 -17.19 9.12
N LYS B 146 -18.87 -18.14 9.70
CA LYS B 146 -18.95 -18.27 11.15
C LYS B 146 -17.61 -18.75 11.71
N GLN B 147 -16.90 -19.63 10.98
CA GLN B 147 -15.58 -20.10 11.41
C GLN B 147 -14.60 -18.93 11.37
N LYS B 148 -14.67 -18.07 10.33
CA LYS B 148 -13.79 -16.91 10.19
C LYS B 148 -14.01 -15.92 11.33
N ALA B 149 -15.29 -15.65 11.64
CA ALA B 149 -15.68 -14.79 12.75
C ALA B 149 -15.14 -15.31 14.07
N ALA B 150 -15.15 -16.63 14.28
CA ALA B 150 -14.66 -17.22 15.51
C ALA B 150 -13.15 -17.00 15.70
N THR B 151 -12.36 -16.96 14.60
CA THR B 151 -10.92 -16.73 14.70
C THR B 151 -10.58 -15.29 15.11
N GLY B 152 -11.48 -14.34 14.83
CA GLY B 152 -11.27 -12.92 15.14
C GLY B 152 -10.20 -12.28 14.28
N THR B 153 -10.00 -12.80 13.05
CA THR B 153 -8.93 -12.31 12.18
C THR B 153 -9.37 -11.26 11.17
N TYR B 154 -10.21 -10.32 11.58
CA TYR B 154 -10.64 -9.20 10.74
C TYR B 154 -11.39 -8.16 11.59
N LYS B 155 -11.34 -6.90 11.18
CA LYS B 155 -12.04 -5.78 11.81
C LYS B 155 -13.48 -5.79 11.28
N SER B 156 -13.66 -5.82 9.97
CA SER B 156 -14.98 -5.89 9.35
C SER B 156 -14.88 -6.44 7.93
N MET B 157 -15.98 -6.97 7.42
CA MET B 157 -16.01 -7.57 6.10
C MET B 157 -17.27 -7.15 5.35
N VAL B 158 -17.11 -6.87 4.05
CA VAL B 158 -18.23 -6.54 3.17
C VAL B 158 -18.24 -7.62 2.07
N PHE B 159 -19.39 -8.25 1.83
CA PHE B 159 -19.51 -9.32 0.84
C PHE B 159 -20.58 -8.92 -0.20
N TYR B 160 -20.19 -8.72 -1.45
CA TYR B 160 -21.12 -8.34 -2.53
C TYR B 160 -21.36 -9.58 -3.39
N VAL B 161 -22.64 -9.92 -3.71
CA VAL B 161 -22.94 -11.12 -4.50
C VAL B 161 -23.84 -10.80 -5.71
N GLU B 162 -23.32 -11.07 -6.89
CA GLU B 162 -24.06 -10.92 -8.13
C GLU B 162 -24.45 -12.35 -8.57
N ALA B 163 -25.74 -12.66 -8.45
CA ALA B 163 -26.25 -13.97 -8.87
C ALA B 163 -27.76 -13.94 -8.77
N ALA B 164 -28.45 -14.86 -9.48
CA ALA B 164 -29.90 -15.02 -9.29
C ALA B 164 -30.11 -15.56 -7.87
N ASN B 165 -31.19 -15.17 -7.22
CA ASN B 165 -31.53 -15.64 -5.87
C ASN B 165 -30.39 -15.37 -4.86
N ALA B 166 -29.50 -14.38 -5.15
CA ALA B 166 -28.33 -14.06 -4.33
C ALA B 166 -28.64 -13.93 -2.87
N GLY B 167 -29.74 -13.28 -2.54
CA GLY B 167 -30.13 -13.12 -1.14
C GLY B 167 -30.35 -14.41 -0.36
N SER B 168 -30.70 -15.50 -1.06
CA SER B 168 -30.90 -16.79 -0.40
C SER B 168 -29.62 -17.36 0.23
N MET B 169 -28.46 -16.84 -0.19
CA MET B 169 -27.19 -17.23 0.41
C MET B 169 -27.05 -16.72 1.86
N PHE B 170 -27.79 -15.66 2.23
CA PHE B 170 -27.65 -15.07 3.56
C PHE B 170 -28.93 -14.97 4.36
N GLU B 171 -30.09 -14.88 3.69
CA GLU B 171 -31.39 -14.72 4.33
C GLU B 171 -31.64 -15.70 5.48
N GLY B 172 -31.77 -15.18 6.71
CA GLY B 172 -32.02 -15.97 7.91
C GLY B 172 -30.84 -16.81 8.36
N LEU B 173 -29.65 -16.63 7.75
CA LEU B 173 -28.47 -17.42 8.06
C LEU B 173 -27.30 -16.58 8.57
N LEU B 174 -26.94 -15.49 7.86
CA LEU B 174 -25.81 -14.64 8.20
C LEU B 174 -26.02 -13.91 9.50
N PRO B 175 -25.10 -14.11 10.46
CA PRO B 175 -25.23 -13.41 11.74
C PRO B 175 -25.14 -11.89 11.60
N GLU B 176 -25.73 -11.16 12.55
CA GLU B 176 -25.73 -9.70 12.47
C GLU B 176 -24.79 -8.99 13.43
N GLY B 177 -24.03 -9.74 14.22
CA GLY B 177 -23.14 -9.16 15.21
C GLY B 177 -21.68 -9.57 15.09
N THR B 178 -21.28 -10.11 13.92
CA THR B 178 -19.90 -10.54 13.70
C THR B 178 -19.15 -9.67 12.67
N ASN B 179 -19.61 -8.42 12.47
CA ASN B 179 -18.97 -7.44 11.60
C ASN B 179 -18.92 -7.84 10.14
N ILE B 180 -19.94 -8.59 9.66
CA ILE B 180 -20.01 -8.96 8.24
C ILE B 180 -21.26 -8.36 7.63
N TYR B 181 -21.10 -7.52 6.60
CA TYR B 181 -22.22 -6.92 5.91
C TYR B 181 -22.27 -7.53 4.51
N ALA B 182 -23.46 -7.89 4.03
CA ALA B 182 -23.60 -8.44 2.68
C ALA B 182 -24.60 -7.65 1.86
N MET B 183 -24.30 -7.45 0.57
CA MET B 183 -25.23 -6.83 -0.37
C MET B 183 -25.42 -7.80 -1.55
N ALA B 184 -26.66 -8.05 -1.92
CA ALA B 184 -27.00 -8.97 -3.00
C ALA B 184 -27.73 -8.22 -4.13
N ALA B 185 -27.47 -8.62 -5.37
CA ALA B 185 -28.10 -8.04 -6.56
C ALA B 185 -29.61 -8.28 -6.57
N SER B 186 -30.02 -9.43 -6.01
CA SER B 186 -31.42 -9.82 -5.97
CA SER B 186 -31.42 -9.84 -5.98
C SER B 186 -31.75 -10.48 -4.64
N ASN B 187 -33.04 -10.52 -4.27
CA ASN B 187 -33.44 -11.16 -3.04
C ASN B 187 -33.55 -12.70 -3.26
N SER B 188 -34.01 -13.46 -2.26
CA SER B 188 -34.08 -14.93 -2.33
C SER B 188 -34.91 -15.53 -3.47
N THR B 189 -35.94 -14.82 -3.94
CA THR B 189 -36.85 -15.40 -4.95
C THR B 189 -36.83 -14.69 -6.29
N GLU B 190 -35.78 -13.93 -6.58
CA GLU B 190 -35.70 -13.18 -7.85
C GLU B 190 -34.52 -13.58 -8.68
N GLY B 191 -34.64 -13.41 -9.98
CA GLY B 191 -33.52 -13.63 -10.88
C GLY B 191 -32.68 -12.36 -11.01
N SER B 192 -31.54 -12.46 -11.69
CA SER B 192 -30.69 -11.27 -11.88
C SER B 192 -30.61 -10.91 -13.35
N TRP B 193 -30.52 -9.63 -13.64
CA TRP B 193 -30.56 -9.13 -14.99
C TRP B 193 -29.20 -8.97 -15.58
N ILE B 194 -29.04 -9.37 -16.85
CA ILE B 194 -27.79 -9.14 -17.55
C ILE B 194 -27.93 -7.83 -18.32
N THR B 195 -26.79 -7.22 -18.71
CA THR B 195 -26.86 -5.95 -19.45
C THR B 195 -25.70 -5.79 -20.42
N TYR B 196 -25.69 -4.71 -21.25
CA TYR B 196 -24.66 -4.45 -22.27
C TYR B 196 -24.65 -5.64 -23.23
N CYS B 197 -25.82 -5.98 -23.73
CA CYS B 197 -26.00 -7.11 -24.62
C CYS B 197 -26.08 -6.64 -26.07
N PRO B 198 -25.91 -7.56 -27.03
CA PRO B 198 -26.07 -7.18 -28.44
C PRO B 198 -27.47 -6.65 -28.75
N GLY B 199 -27.57 -5.85 -29.79
CA GLY B 199 -28.84 -5.30 -30.21
C GLY B 199 -29.08 -3.92 -29.61
N THR B 200 -28.63 -3.73 -28.35
CA THR B 200 -28.75 -2.49 -27.61
C THR B 200 -28.07 -1.37 -28.39
N PRO B 201 -28.73 -0.19 -28.55
CA PRO B 201 -28.12 0.89 -29.34
C PRO B 201 -26.68 1.23 -28.98
N ASP B 202 -25.87 1.53 -30.01
CA ASP B 202 -24.45 1.87 -29.89
C ASP B 202 -23.60 0.77 -29.27
N PHE B 203 -23.94 -0.50 -29.54
CA PHE B 203 -23.19 -1.64 -29.00
C PHE B 203 -22.13 -2.07 -30.03
N PRO B 204 -20.90 -2.45 -29.61
CA PRO B 204 -19.89 -2.87 -30.60
C PRO B 204 -20.37 -4.03 -31.47
N PRO B 205 -20.36 -3.88 -32.79
CA PRO B 205 -20.90 -4.94 -33.66
C PRO B 205 -20.13 -6.26 -33.67
N GLU B 206 -18.94 -6.30 -33.08
CA GLU B 206 -18.12 -7.52 -33.09
C GLU B 206 -18.55 -8.56 -32.05
N PHE B 207 -19.28 -8.14 -31.00
CA PHE B 207 -19.67 -9.05 -29.90
C PHE B 207 -21.04 -9.72 -30.04
N ASP B 208 -21.13 -11.01 -29.65
CA ASP B 208 -22.42 -11.72 -29.59
C ASP B 208 -22.74 -12.16 -28.15
N VAL B 209 -21.98 -11.66 -27.16
CA VAL B 209 -22.22 -11.98 -25.76
C VAL B 209 -22.47 -10.68 -24.96
N CYS B 210 -23.07 -10.78 -23.77
CA CYS B 210 -23.29 -9.62 -22.92
C CYS B 210 -22.01 -9.29 -22.17
N LEU B 211 -21.74 -8.01 -21.96
CA LEU B 211 -20.48 -7.58 -21.34
C LEU B 211 -20.50 -7.47 -19.82
N GLY B 212 -21.69 -7.40 -19.23
CA GLY B 212 -21.80 -7.24 -17.78
C GLY B 212 -23.14 -7.64 -17.21
N ASP B 213 -23.25 -7.59 -15.89
CA ASP B 213 -24.51 -7.86 -15.21
C ASP B 213 -25.02 -6.52 -14.72
N LEU B 214 -26.34 -6.31 -14.73
CA LEU B 214 -26.93 -5.01 -14.37
C LEU B 214 -26.50 -4.46 -13.00
N TRP B 215 -26.69 -5.23 -11.93
CA TRP B 215 -26.31 -4.78 -10.60
C TRP B 215 -24.81 -4.49 -10.52
N SER B 216 -23.98 -5.40 -11.06
CA SER B 216 -22.54 -5.22 -11.01
C SER B 216 -22.09 -3.98 -11.72
N ILE B 217 -22.48 -3.76 -12.98
CA ILE B 217 -22.00 -2.57 -13.67
C ILE B 217 -22.55 -1.28 -13.02
N THR B 218 -23.74 -1.34 -12.37
CA THR B 218 -24.28 -0.16 -11.68
C THR B 218 -23.39 0.23 -10.47
N PHE B 219 -23.04 -0.73 -9.61
CA PHE B 219 -22.17 -0.40 -8.44
C PHE B 219 -20.73 -0.13 -8.88
N LEU B 220 -20.21 -0.88 -9.88
CA LEU B 220 -18.83 -0.73 -10.34
C LEU B 220 -18.63 0.64 -10.97
N GLU B 221 -19.59 1.08 -11.82
CA GLU B 221 -19.50 2.39 -12.44
C GLU B 221 -19.70 3.51 -11.40
N ASP B 222 -20.47 3.25 -10.33
CA ASP B 222 -20.65 4.20 -9.24
C ASP B 222 -19.29 4.38 -8.52
N CYS B 223 -18.55 3.26 -8.28
CA CYS B 223 -17.21 3.29 -7.68
C CYS B 223 -16.27 4.12 -8.48
N ASP B 224 -16.28 3.95 -9.82
CA ASP B 224 -15.39 4.68 -10.72
C ASP B 224 -15.67 6.18 -10.75
N ALA B 225 -16.90 6.58 -10.49
CA ALA B 225 -17.31 7.97 -10.64
C ALA B 225 -17.18 8.84 -9.41
N HIS B 226 -16.94 8.24 -8.23
CA HIS B 226 -16.94 9.00 -7.01
C HIS B 226 -15.68 8.90 -6.19
N ASN B 227 -15.49 9.90 -5.32
CA ASN B 227 -14.42 9.93 -4.34
C ASN B 227 -14.96 8.97 -3.26
N LEU B 228 -14.33 7.80 -3.11
CA LEU B 228 -14.85 6.76 -2.21
C LEU B 228 -14.71 7.08 -0.73
N ARG B 229 -13.97 8.14 -0.37
CA ARG B 229 -13.91 8.59 1.01
C ARG B 229 -15.23 9.32 1.38
N THR B 230 -15.96 9.87 0.37
CA THR B 230 -17.18 10.65 0.65
C THR B 230 -18.48 9.91 0.33
N GLU B 231 -18.41 8.61 0.09
CA GLU B 231 -19.59 7.81 -0.18
C GLU B 231 -19.55 6.59 0.71
N THR B 232 -20.59 6.38 1.53
CA THR B 232 -20.64 5.20 2.41
C THR B 232 -21.15 3.96 1.65
N VAL B 233 -20.98 2.76 2.24
CA VAL B 233 -21.54 1.53 1.67
C VAL B 233 -23.10 1.68 1.61
N HIS B 234 -23.68 2.30 2.65
CA HIS B 234 -25.13 2.54 2.75
C HIS B 234 -25.61 3.49 1.60
N GLN B 235 -24.86 4.56 1.31
CA GLN B 235 -25.21 5.46 0.20
C GLN B 235 -25.17 4.67 -1.12
N GLN B 236 -24.19 3.76 -1.30
CA GLN B 236 -24.12 2.96 -2.53
C GLN B 236 -25.31 2.01 -2.59
N PHE B 237 -25.65 1.37 -1.46
CA PHE B 237 -26.82 0.49 -1.37
C PHE B 237 -28.11 1.22 -1.83
N GLU B 238 -28.36 2.42 -1.29
CA GLU B 238 -29.57 3.16 -1.63
C GLU B 238 -29.55 3.62 -3.09
N LEU B 239 -28.41 4.10 -3.59
CA LEU B 239 -28.29 4.60 -4.96
C LEU B 239 -28.57 3.49 -5.95
N VAL B 240 -27.86 2.36 -5.79
CA VAL B 240 -27.98 1.24 -6.72
C VAL B 240 -29.35 0.60 -6.63
N LYS B 241 -29.89 0.49 -5.42
CA LYS B 241 -31.21 -0.13 -5.21
C LYS B 241 -32.28 0.66 -5.97
N LYS B 242 -32.25 1.99 -5.84
CA LYS B 242 -33.23 2.82 -6.54
C LYS B 242 -33.02 2.74 -8.05
N LYS B 243 -31.76 2.77 -8.48
CA LYS B 243 -31.42 2.76 -9.89
C LYS B 243 -31.90 1.53 -10.65
N ILE B 244 -31.83 0.32 -10.05
CA ILE B 244 -32.27 -0.87 -10.77
C ILE B 244 -33.55 -1.50 -10.20
N ALA B 245 -34.41 -0.70 -9.52
CA ALA B 245 -35.65 -1.21 -8.93
C ALA B 245 -36.57 -1.90 -9.93
N TYR B 246 -36.53 -1.48 -11.20
CA TYR B 246 -37.34 -2.09 -12.26
C TYR B 246 -36.89 -3.53 -12.61
N ALA B 247 -35.67 -3.91 -12.24
CA ALA B 247 -35.07 -5.19 -12.56
C ALA B 247 -35.06 -6.23 -11.41
N SER B 248 -34.48 -5.89 -10.25
CA SER B 248 -34.39 -6.76 -9.10
C SER B 248 -34.33 -5.89 -7.84
N THR B 249 -34.54 -6.51 -6.68
CA THR B 249 -34.55 -5.81 -5.42
C THR B 249 -33.22 -6.00 -4.76
N VAL B 250 -32.36 -4.97 -4.80
CA VAL B 250 -31.05 -4.97 -4.15
C VAL B 250 -31.30 -5.15 -2.66
N SER B 251 -30.67 -6.17 -2.06
CA SER B 251 -30.95 -6.54 -0.69
C SER B 251 -29.72 -6.58 0.19
N GLN B 252 -29.89 -6.32 1.49
CA GLN B 252 -28.76 -6.30 2.40
C GLN B 252 -28.99 -7.21 3.59
N TYR B 253 -27.89 -7.80 4.10
CA TYR B 253 -27.96 -8.78 5.18
C TYR B 253 -26.79 -8.62 6.14
N GLY B 254 -26.91 -9.21 7.31
CA GLY B 254 -25.82 -9.20 8.28
C GLY B 254 -25.78 -7.99 9.20
N ASP B 255 -24.55 -7.57 9.52
CA ASP B 255 -24.29 -6.44 10.42
C ASP B 255 -24.49 -5.15 9.64
N ILE B 256 -25.74 -4.64 9.60
CA ILE B 256 -26.08 -3.43 8.85
C ILE B 256 -25.27 -2.19 9.27
N PRO B 257 -25.00 -1.92 10.57
CA PRO B 257 -24.17 -0.74 10.92
C PRO B 257 -22.80 -0.70 10.23
N ILE B 258 -22.27 -1.85 9.74
CA ILE B 258 -21.01 -1.84 9.00
C ILE B 258 -21.11 -0.94 7.74
N SER B 259 -22.31 -0.84 7.15
CA SER B 259 -22.50 0.01 5.97
C SER B 259 -22.36 1.52 6.24
N LYS B 260 -22.16 1.94 7.51
CA LYS B 260 -21.87 3.35 7.80
C LYS B 260 -20.45 3.73 7.32
N ASP B 261 -19.56 2.74 7.12
CA ASP B 261 -18.19 2.94 6.65
C ASP B 261 -18.16 3.53 5.26
N SER B 262 -17.17 4.41 4.96
CA SER B 262 -17.01 4.88 3.59
C SER B 262 -16.51 3.71 2.73
N LEU B 263 -16.82 3.73 1.43
CA LEU B 263 -16.36 2.65 0.53
C LEU B 263 -14.82 2.51 0.54
N SER B 264 -14.13 3.65 0.77
CA SER B 264 -12.67 3.71 0.84
C SER B 264 -12.09 2.82 1.92
N VAL B 265 -12.86 2.49 2.97
CA VAL B 265 -12.38 1.58 4.01
C VAL B 265 -12.01 0.22 3.41
N TYR B 266 -12.77 -0.20 2.38
CA TYR B 266 -12.57 -1.48 1.73
C TYR B 266 -11.83 -1.38 0.42
N MET B 267 -12.09 -0.33 -0.36
CA MET B 267 -11.56 -0.21 -1.73
C MET B 267 -10.47 0.83 -1.93
N GLY B 268 -10.12 1.57 -0.89
CA GLY B 268 -9.23 2.72 -0.97
C GLY B 268 -9.89 3.81 -1.78
N THR B 269 -9.11 4.73 -2.37
CA THR B 269 -9.66 5.70 -3.33
C THR B 269 -8.59 6.16 -4.29
N ASP B 270 -9.02 6.43 -5.52
CA ASP B 270 -8.18 6.91 -6.60
C ASP B 270 -7.98 8.41 -6.37
N PRO B 271 -6.73 8.88 -6.27
CA PRO B 271 -6.50 10.33 -6.09
C PRO B 271 -6.98 11.19 -7.26
N ALA B 272 -7.21 10.60 -8.44
CA ALA B 272 -7.73 11.32 -9.59
C ALA B 272 -9.18 11.79 -9.38
N ASN B 273 -9.95 11.08 -8.55
CA ASN B 273 -11.35 11.43 -8.28
C ASN B 273 -11.53 12.28 -7.02
N ASP B 274 -10.47 12.91 -6.51
CA ASP B 274 -10.54 13.74 -5.30
C ASP B 274 -11.52 14.90 -5.46
N ASN B 275 -11.53 15.55 -6.63
CA ASN B 275 -12.43 16.67 -6.88
C ASN B 275 -13.73 16.22 -7.54
#